data_3UI3
#
_entry.id   3UI3
#
_cell.length_a   77.810
_cell.length_b   77.810
_cell.length_c   106.310
_cell.angle_alpha   90.00
_cell.angle_beta   90.00
_cell.angle_gamma   120.00
#
_symmetry.space_group_name_H-M   'P 31 2 1'
#
loop_
_entity.id
_entity.type
_entity.pdbx_description
1 polymer 'Immunoglobulin G-binding protein G, Virulence-associated protein D'
2 water water
#
_entity_poly.entity_id   1
_entity_poly.type   'polypeptide(L)'
_entity_poly.pdbx_seq_one_letter_code
;(MSE)QYKLILNGKTLKGETTTEAVDAATAEKVFKQYANDNGVDGEWTYDDATKTFTVTEGS(MSE)YALAFDLKIEILK
KEYGEPYNKAYDDLRQELELLGFEWTQGSVYVNYSKENTLAQVYKAINKLSQIEWFKKSVRDIRAFKVEDFSDFTEIVKS
LEHHHHHH
;
_entity_poly.pdbx_strand_id   A,B
#
# COMPACT_ATOMS: atom_id res chain seq x y z
N TYR A 3 32.06 3.73 8.43
CA TYR A 3 30.91 2.94 7.90
C TYR A 3 29.93 2.55 9.00
N LYS A 4 28.87 3.34 9.15
CA LYS A 4 27.86 3.08 10.16
C LYS A 4 26.94 1.95 9.71
N LEU A 5 26.46 1.16 10.66
CA LEU A 5 25.57 0.05 10.35
C LEU A 5 24.29 0.13 11.17
N ILE A 6 23.24 0.67 10.56
CA ILE A 6 21.95 0.82 11.22
C ILE A 6 21.20 -0.51 11.08
N LEU A 7 20.74 -1.04 12.22
CA LEU A 7 20.03 -2.31 12.25
C LEU A 7 18.59 -2.12 12.73
N GLY A 14 20.72 -1.87 17.06
CA GLY A 14 21.00 -0.44 17.03
C GLY A 14 21.96 -0.03 15.92
N GLU A 15 23.19 0.30 16.31
CA GLU A 15 24.22 0.72 15.36
C GLU A 15 25.54 0.00 15.59
N THR A 16 26.52 0.33 14.75
CA THR A 16 27.87 -0.25 14.82
C THR A 16 28.70 0.45 13.75
N THR A 17 30.01 0.28 13.78
CA THR A 17 30.88 0.90 12.80
C THR A 17 32.03 -0.04 12.43
N THR A 18 32.81 0.36 11.42
CA THR A 18 33.95 -0.43 10.96
C THR A 18 34.91 0.44 10.14
N GLU A 19 36.18 0.06 10.13
CA GLU A 19 37.21 0.79 9.41
C GLU A 19 37.68 -0.03 8.21
N ALA A 20 36.73 -0.54 7.44
CA ALA A 20 37.05 -1.34 6.26
C ALA A 20 37.77 -0.51 5.20
N VAL A 21 38.39 -1.20 4.26
CA VAL A 21 39.13 -0.54 3.18
C VAL A 21 38.20 0.34 2.34
N ASP A 22 37.03 -0.18 2.00
CA ASP A 22 36.06 0.57 1.21
C ASP A 22 34.64 0.06 1.46
N ALA A 23 33.66 0.80 0.94
CA ALA A 23 32.25 0.44 1.09
C ALA A 23 31.97 -1.00 0.68
N ALA A 24 32.60 -1.43 -0.41
CA ALA A 24 32.40 -2.78 -0.92
C ALA A 24 32.88 -3.83 0.09
N THR A 25 34.13 -3.71 0.53
CA THR A 25 34.69 -4.66 1.49
C THR A 25 34.03 -4.54 2.84
N ALA A 26 33.53 -3.35 3.16
CA ALA A 26 32.88 -3.11 4.44
C ALA A 26 31.60 -3.92 4.63
N GLU A 27 30.87 -4.16 3.54
CA GLU A 27 29.62 -4.92 3.61
C GLU A 27 29.80 -6.35 4.10
N LYS A 28 30.86 -7.01 3.64
CA LYS A 28 31.14 -8.39 4.04
C LYS A 28 31.07 -8.51 5.56
N VAL A 29 31.72 -7.58 6.24
CA VAL A 29 31.76 -7.54 7.70
C VAL A 29 30.34 -7.46 8.26
N PHE A 30 29.73 -6.28 8.13
CA PHE A 30 28.38 -6.07 8.63
C PHE A 30 27.47 -7.24 8.26
N LYS A 31 27.69 -7.82 7.08
CA LYS A 31 26.90 -8.95 6.60
C LYS A 31 26.92 -10.12 7.56
N GLN A 32 28.10 -10.69 7.78
CA GLN A 32 28.25 -11.82 8.68
C GLN A 32 27.76 -11.41 10.06
N TYR A 33 28.10 -10.17 10.43
CA TYR A 33 27.71 -9.58 11.71
C TYR A 33 26.23 -9.85 12.02
N ALA A 34 25.35 -9.03 11.46
CA ALA A 34 23.91 -9.13 11.67
C ALA A 34 23.34 -10.52 11.37
N ASN A 35 24.10 -11.33 10.64
CA ASN A 35 23.67 -12.68 10.30
C ASN A 35 23.82 -13.55 11.54
N ASP A 36 24.73 -13.14 12.42
CA ASP A 36 24.98 -13.86 13.66
C ASP A 36 24.56 -13.01 14.85
N ASN A 37 23.27 -12.74 14.95
CA ASN A 37 22.71 -11.95 16.04
C ASN A 37 21.21 -12.17 16.16
N ASP A 40 18.96 -10.14 9.71
CA ASP A 40 18.76 -10.79 8.41
C ASP A 40 17.58 -10.18 7.65
N GLY A 41 17.89 -9.38 6.62
CA GLY A 41 16.83 -8.76 5.83
C GLY A 41 17.25 -8.06 4.55
N GLU A 42 16.56 -6.95 4.26
CA GLU A 42 16.83 -6.16 3.06
C GLU A 42 17.87 -5.09 3.37
N TRP A 43 18.95 -5.07 2.61
CA TRP A 43 20.02 -4.10 2.81
C TRP A 43 19.96 -2.91 1.85
N THR A 44 20.33 -1.75 2.35
CA THR A 44 20.38 -0.52 1.58
C THR A 44 21.75 0.10 1.90
N TYR A 45 22.21 1.03 1.06
CA TYR A 45 23.50 1.66 1.32
C TYR A 45 23.63 3.08 0.80
N ASP A 46 24.07 3.97 1.68
CA ASP A 46 24.26 5.36 1.31
C ASP A 46 25.74 5.71 1.44
N ASP A 47 26.47 5.59 0.34
CA ASP A 47 27.91 5.87 0.32
C ASP A 47 28.28 7.30 0.66
N ALA A 48 27.49 8.25 0.15
CA ALA A 48 27.75 9.66 0.41
C ALA A 48 27.85 9.95 1.91
N THR A 49 27.47 8.97 2.73
CA THR A 49 27.51 9.12 4.18
C THR A 49 28.09 7.90 4.88
N LYS A 50 28.53 6.90 4.10
CA LYS A 50 29.09 5.68 4.66
C LYS A 50 28.15 5.13 5.73
N THR A 51 26.89 4.90 5.35
CA THR A 51 25.91 4.38 6.28
C THR A 51 25.09 3.22 5.72
N PHE A 52 25.46 2.01 6.11
CA PHE A 52 24.76 0.80 5.69
C PHE A 52 23.56 0.65 6.61
N THR A 53 22.46 0.15 6.08
CA THR A 53 21.25 -0.03 6.88
C THR A 53 20.56 -1.32 6.47
N VAL A 54 20.04 -2.04 7.44
CA VAL A 54 19.36 -3.29 7.13
C VAL A 54 18.08 -3.43 7.94
N THR A 55 17.05 -3.97 7.30
CA THR A 55 15.77 -4.20 7.95
C THR A 55 15.36 -5.62 7.60
N GLU A 56 15.03 -6.39 8.63
CA GLU A 56 14.63 -7.78 8.42
C GLU A 56 13.25 -7.83 7.79
N GLY A 57 12.84 -9.03 7.40
CA GLY A 57 11.54 -9.23 6.77
C GLY A 57 10.47 -8.18 7.04
N SER A 58 9.78 -7.78 5.98
CA SER A 58 8.73 -6.78 6.08
C SER A 58 7.56 -7.13 5.16
N MSE A 59 6.38 -6.61 5.48
CA MSE A 59 5.19 -6.84 4.66
C MSE A 59 5.01 -5.71 3.66
O MSE A 59 5.40 -4.57 3.92
CB MSE A 59 3.93 -6.92 5.53
CG MSE A 59 3.91 -8.03 6.56
SE MSE A 59 2.20 -8.12 7.48
CE MSE A 59 2.37 -6.60 8.67
N TYR A 60 4.44 -6.04 2.51
CA TYR A 60 4.18 -5.04 1.49
C TYR A 60 2.74 -5.04 1.02
N ALA A 61 2.26 -3.85 0.70
CA ALA A 61 0.92 -3.67 0.19
C ALA A 61 1.15 -3.36 -1.27
N LEU A 62 0.14 -3.58 -2.09
CA LEU A 62 0.24 -3.30 -3.51
C LEU A 62 -1.14 -2.76 -3.84
N ALA A 63 -1.18 -1.52 -4.30
CA ALA A 63 -2.45 -0.89 -4.62
C ALA A 63 -2.44 -0.29 -6.02
N PHE A 64 -3.48 -0.59 -6.78
CA PHE A 64 -3.55 -0.04 -8.13
C PHE A 64 -4.94 0.50 -8.50
N ASP A 65 -4.94 1.33 -9.54
CA ASP A 65 -6.15 1.96 -10.06
C ASP A 65 -6.08 2.08 -11.59
N LEU A 66 -7.18 1.70 -12.23
CA LEU A 66 -7.31 1.70 -13.68
C LEU A 66 -8.38 2.68 -14.12
N LYS A 67 -8.18 3.27 -15.29
CA LYS A 67 -9.14 4.20 -15.88
C LYS A 67 -10.19 3.31 -16.54
N ILE A 68 -11.40 3.28 -15.99
CA ILE A 68 -12.44 2.41 -16.55
C ILE A 68 -12.74 2.75 -18.00
N GLU A 69 -12.55 4.01 -18.34
CA GLU A 69 -12.78 4.50 -19.68
C GLU A 69 -11.97 3.68 -20.72
N ILE A 70 -10.69 3.45 -20.41
CA ILE A 70 -9.80 2.71 -21.29
C ILE A 70 -9.99 1.19 -21.28
N LEU A 71 -10.11 0.63 -20.07
CA LEU A 71 -10.29 -0.81 -19.89
C LEU A 71 -11.28 -1.38 -20.90
N LYS A 72 -12.43 -0.72 -20.99
CA LYS A 72 -13.51 -1.13 -21.88
C LYS A 72 -13.07 -1.23 -23.34
N LYS A 73 -11.95 -0.59 -23.66
CA LYS A 73 -11.41 -0.60 -25.02
C LYS A 73 -10.22 -1.55 -25.18
N GLU A 74 -9.38 -1.62 -24.15
CA GLU A 74 -8.18 -2.46 -24.19
C GLU A 74 -8.42 -3.90 -23.75
N TYR A 75 -9.33 -4.06 -22.79
CA TYR A 75 -9.64 -5.38 -22.25
C TYR A 75 -10.98 -5.86 -22.79
N GLY A 76 -11.95 -4.95 -22.81
CA GLY A 76 -13.28 -5.29 -23.32
C GLY A 76 -14.38 -5.16 -22.28
N GLU A 77 -15.62 -5.28 -22.72
CA GLU A 77 -16.77 -5.21 -21.80
C GLU A 77 -17.49 -6.56 -21.91
N PRO A 78 -17.89 -7.13 -20.76
CA PRO A 78 -17.71 -6.63 -19.40
C PRO A 78 -16.27 -6.71 -18.92
N TYR A 79 -15.88 -5.77 -18.06
CA TYR A 79 -14.52 -5.70 -17.55
C TYR A 79 -14.18 -6.33 -16.22
N ASN A 80 -15.19 -6.58 -15.38
CA ASN A 80 -14.94 -7.19 -14.07
C ASN A 80 -13.98 -8.38 -14.12
N LYS A 81 -14.06 -9.18 -15.18
CA LYS A 81 -13.19 -10.33 -15.31
C LYS A 81 -11.73 -9.89 -15.16
N ALA A 82 -11.38 -8.78 -15.80
CA ALA A 82 -10.04 -8.21 -15.75
C ALA A 82 -9.51 -8.10 -14.32
N TYR A 83 -10.38 -7.73 -13.40
CA TYR A 83 -9.98 -7.63 -12.00
C TYR A 83 -9.72 -9.01 -11.41
N ASP A 84 -10.45 -10.01 -11.89
CA ASP A 84 -10.26 -11.38 -11.44
C ASP A 84 -8.89 -11.84 -11.96
N ASP A 85 -8.67 -11.62 -13.25
CA ASP A 85 -7.40 -11.96 -13.90
C ASP A 85 -6.29 -11.42 -13.00
N LEU A 86 -6.42 -10.16 -12.65
CA LEU A 86 -5.44 -9.50 -11.84
C LEU A 86 -5.28 -10.14 -10.46
N ARG A 87 -6.40 -10.40 -9.78
CA ARG A 87 -6.33 -11.02 -8.46
C ARG A 87 -5.56 -12.35 -8.50
N GLN A 88 -5.73 -13.12 -9.58
CA GLN A 88 -5.08 -14.41 -9.70
C GLN A 88 -3.58 -14.34 -9.91
N GLU A 89 -3.14 -13.40 -10.75
CA GLU A 89 -1.71 -13.24 -10.99
C GLU A 89 -1.12 -12.78 -9.67
N LEU A 90 -1.75 -11.78 -9.06
CA LEU A 90 -1.26 -11.29 -7.78
C LEU A 90 -1.26 -12.37 -6.68
N GLU A 91 -2.29 -13.22 -6.66
CA GLU A 91 -2.40 -14.29 -5.68
C GLU A 91 -1.23 -15.27 -5.84
N LEU A 92 -0.95 -15.66 -7.09
CA LEU A 92 0.16 -16.57 -7.33
C LEU A 92 1.48 -16.01 -6.82
N LEU A 93 1.60 -14.70 -6.72
CA LEU A 93 2.83 -14.06 -6.25
C LEU A 93 2.83 -13.79 -4.76
N GLY A 94 1.83 -14.28 -4.05
CA GLY A 94 1.79 -14.09 -2.62
C GLY A 94 1.04 -12.90 -2.07
N PHE A 95 0.49 -12.07 -2.95
CA PHE A 95 -0.27 -10.92 -2.50
C PHE A 95 -1.73 -11.33 -2.51
N GLU A 96 -2.43 -11.12 -1.40
CA GLU A 96 -3.83 -11.50 -1.33
C GLU A 96 -4.75 -10.29 -1.26
N TRP A 97 -5.87 -10.38 -1.98
CA TRP A 97 -6.88 -9.33 -2.04
C TRP A 97 -7.36 -9.00 -0.64
N THR A 98 -7.56 -7.72 -0.40
CA THR A 98 -8.00 -7.22 0.87
C THR A 98 -9.11 -6.23 0.55
N GLN A 99 -10.10 -6.10 1.41
CA GLN A 99 -11.18 -5.16 1.12
C GLN A 99 -10.69 -4.03 0.21
N GLY A 100 -11.33 -3.89 -0.95
CA GLY A 100 -10.94 -2.86 -1.89
C GLY A 100 -9.72 -3.25 -2.68
N SER A 101 -9.49 -2.60 -3.83
CA SER A 101 -8.35 -2.89 -4.69
C SER A 101 -6.95 -2.67 -4.07
N VAL A 102 -6.75 -3.28 -2.89
CA VAL A 102 -5.49 -3.21 -2.15
C VAL A 102 -5.05 -4.65 -1.90
N TYR A 103 -3.84 -4.98 -2.29
CA TYR A 103 -3.34 -6.33 -2.08
C TYR A 103 -2.22 -6.31 -1.08
N VAL A 104 -2.24 -7.25 -0.16
CA VAL A 104 -1.24 -7.33 0.90
C VAL A 104 -0.50 -8.65 0.91
N ASN A 105 0.82 -8.59 0.80
CA ASN A 105 1.62 -9.79 0.84
C ASN A 105 2.07 -9.83 2.30
N TYR A 106 1.59 -10.83 3.03
CA TYR A 106 1.92 -10.96 4.44
C TYR A 106 3.24 -11.69 4.72
N SER A 107 3.78 -12.37 3.71
CA SER A 107 5.02 -13.16 3.78
C SER A 107 6.14 -12.81 4.76
N LYS A 108 6.67 -11.61 4.68
CA LYS A 108 7.75 -11.16 5.58
C LYS A 108 9.17 -11.58 5.19
N GLU A 109 9.34 -12.35 4.11
CA GLU A 109 10.69 -12.76 3.70
C GLU A 109 10.87 -12.72 2.18
N ASN A 110 11.77 -11.84 1.72
CA ASN A 110 12.05 -11.67 0.29
C ASN A 110 10.78 -11.18 -0.40
N THR A 111 9.90 -10.57 0.38
CA THR A 111 8.65 -10.05 -0.15
C THR A 111 8.90 -8.99 -1.20
N LEU A 112 9.90 -8.15 -0.94
CA LEU A 112 10.26 -7.07 -1.86
C LEU A 112 10.51 -7.63 -3.28
N ALA A 113 11.10 -8.81 -3.34
CA ALA A 113 11.38 -9.45 -4.61
C ALA A 113 10.07 -9.76 -5.29
N GLN A 114 9.13 -10.29 -4.51
CA GLN A 114 7.80 -10.63 -5.01
C GLN A 114 7.16 -9.36 -5.54
N VAL A 115 7.33 -8.26 -4.83
CA VAL A 115 6.76 -7.00 -5.29
C VAL A 115 7.31 -6.68 -6.67
N TYR A 116 8.61 -6.84 -6.85
CA TYR A 116 9.22 -6.56 -8.13
C TYR A 116 8.74 -7.60 -9.14
N LYS A 117 8.56 -8.84 -8.68
CA LYS A 117 8.09 -9.90 -9.56
C LYS A 117 6.71 -9.51 -10.11
N ALA A 118 5.89 -8.93 -9.25
CA ALA A 118 4.55 -8.50 -9.61
C ALA A 118 4.58 -7.34 -10.59
N ILE A 119 5.40 -6.34 -10.31
CA ILE A 119 5.48 -5.18 -11.16
C ILE A 119 5.94 -5.60 -12.54
N ASN A 120 6.87 -6.55 -12.56
CA ASN A 120 7.37 -7.00 -13.84
C ASN A 120 6.25 -7.67 -14.64
N LYS A 121 5.48 -8.53 -14.00
CA LYS A 121 4.40 -9.20 -14.71
C LYS A 121 3.42 -8.14 -15.25
N LEU A 122 2.93 -7.29 -14.37
CA LEU A 122 2.00 -6.27 -14.78
C LEU A 122 2.54 -5.45 -15.93
N SER A 123 3.84 -5.17 -15.89
CA SER A 123 4.47 -4.38 -16.93
C SER A 123 4.42 -5.07 -18.30
N GLN A 124 4.22 -6.38 -18.30
CA GLN A 124 4.17 -7.13 -19.55
C GLN A 124 2.74 -7.46 -20.00
N ILE A 125 1.74 -6.94 -19.31
CA ILE A 125 0.35 -7.21 -19.68
C ILE A 125 -0.22 -5.96 -20.38
N GLU A 126 -0.12 -5.94 -21.69
CA GLU A 126 -0.59 -4.82 -22.52
C GLU A 126 -1.75 -3.97 -22.00
N TRP A 127 -2.95 -4.54 -21.93
CA TRP A 127 -4.12 -3.78 -21.48
C TRP A 127 -3.93 -3.13 -20.13
N PHE A 128 -3.19 -3.78 -19.24
CA PHE A 128 -2.99 -3.21 -17.93
C PHE A 128 -2.08 -2.00 -18.08
N LYS A 129 -1.03 -2.13 -18.88
CA LYS A 129 -0.11 -1.03 -19.13
C LYS A 129 -0.94 0.15 -19.61
N LYS A 130 -1.79 -0.15 -20.59
CA LYS A 130 -2.67 0.84 -21.18
C LYS A 130 -3.70 1.46 -20.24
N SER A 131 -4.16 0.70 -19.25
CA SER A 131 -5.21 1.19 -18.38
C SER A 131 -4.86 1.78 -17.00
N VAL A 132 -3.70 1.42 -16.46
CA VAL A 132 -3.34 1.94 -15.14
C VAL A 132 -3.38 3.45 -15.06
N ARG A 133 -3.87 3.94 -13.92
CA ARG A 133 -3.92 5.37 -13.66
C ARG A 133 -2.81 5.60 -12.63
N ASP A 134 -2.64 4.61 -11.76
CA ASP A 134 -1.65 4.67 -10.71
C ASP A 134 -1.43 3.32 -10.06
N ILE A 135 -0.19 3.02 -9.72
CA ILE A 135 0.14 1.77 -9.05
C ILE A 135 1.37 1.89 -8.14
N ARG A 136 1.17 1.59 -6.86
CA ARG A 136 2.25 1.64 -5.89
C ARG A 136 2.31 0.49 -4.90
N ALA A 137 3.43 0.43 -4.19
CA ALA A 137 3.70 -0.58 -3.19
C ALA A 137 4.03 0.10 -1.88
N PHE A 138 3.60 -0.49 -0.77
CA PHE A 138 3.85 0.08 0.54
C PHE A 138 4.59 -0.94 1.39
N LYS A 139 5.39 -0.43 2.30
CA LYS A 139 6.11 -1.29 3.22
C LYS A 139 5.21 -1.21 4.45
N VAL A 140 4.55 -2.32 4.76
CA VAL A 140 3.62 -2.38 5.88
C VAL A 140 4.23 -3.01 7.13
N GLU A 141 4.28 -2.25 8.21
CA GLU A 141 4.84 -2.77 9.45
C GLU A 141 3.76 -3.41 10.29
N ASP A 142 2.61 -2.73 10.36
CA ASP A 142 1.51 -3.22 11.16
C ASP A 142 0.21 -2.68 10.60
N PHE A 143 -0.87 -3.42 10.81
CA PHE A 143 -2.19 -3.00 10.35
C PHE A 143 -3.21 -3.39 11.40
N SER A 144 -4.18 -2.53 11.62
CA SER A 144 -5.21 -2.78 12.62
C SER A 144 -6.57 -2.65 11.99
N ASP A 145 -7.46 -3.58 12.34
CA ASP A 145 -8.82 -3.58 11.85
C ASP A 145 -9.76 -2.82 12.81
N PHE A 146 -10.32 -1.70 12.35
CA PHE A 146 -11.22 -0.90 13.19
C PHE A 146 -12.69 -1.13 12.92
N THR A 147 -13.02 -2.06 12.05
CA THR A 147 -14.43 -2.27 11.73
C THR A 147 -15.32 -2.33 12.97
N GLU A 148 -15.19 -3.38 13.76
CA GLU A 148 -16.01 -3.58 14.94
C GLU A 148 -16.11 -2.40 15.92
N ILE A 149 -15.02 -1.65 16.09
CA ILE A 149 -15.08 -0.53 17.01
C ILE A 149 -15.92 0.57 16.38
N VAL A 150 -15.63 0.89 15.12
CA VAL A 150 -16.35 1.94 14.40
C VAL A 150 -17.86 1.78 14.49
N LYS A 151 -18.30 0.53 14.67
CA LYS A 151 -19.72 0.23 14.76
C LYS A 151 -20.34 0.42 16.14
N SER A 152 -19.59 0.13 17.21
CA SER A 152 -20.12 0.27 18.57
C SER A 152 -20.83 1.61 18.78
N LEU A 153 -21.75 1.66 19.75
CA LEU A 153 -22.52 2.86 20.03
C LEU A 153 -21.93 3.77 21.12
N GLU B 56 11.29 11.28 12.78
CA GLU B 56 10.14 11.06 13.72
C GLU B 56 9.34 9.82 13.32
N GLY B 57 8.08 9.78 13.75
CA GLY B 57 7.21 8.65 13.47
C GLY B 57 6.95 8.30 12.03
N SER B 58 6.21 7.22 11.82
CA SER B 58 5.86 6.72 10.50
C SER B 58 4.49 7.21 10.00
N MSE B 59 4.18 6.83 8.75
CA MSE B 59 2.94 7.20 8.07
C MSE B 59 1.86 6.13 8.17
O MSE B 59 2.14 4.98 8.50
CB MSE B 59 3.23 7.46 6.59
CG MSE B 59 4.40 8.39 6.33
SE MSE B 59 4.86 8.46 4.46
CE MSE B 59 5.99 6.90 4.35
N TYR B 60 0.64 6.54 7.88
CA TYR B 60 -0.50 5.62 7.96
C TYR B 60 -1.43 5.64 6.73
N ALA B 61 -2.02 4.46 6.49
CA ALA B 61 -2.94 4.28 5.39
C ALA B 61 -4.28 3.90 5.99
N LEU B 62 -5.35 4.39 5.37
CA LEU B 62 -6.69 4.08 5.83
C LEU B 62 -7.46 3.51 4.63
N ALA B 63 -8.05 2.33 4.83
CA ALA B 63 -8.78 1.66 3.77
C ALA B 63 -10.14 1.11 4.22
N PHE B 64 -11.16 1.26 3.40
CA PHE B 64 -12.47 0.75 3.78
C PHE B 64 -13.37 0.35 2.60
N ASP B 65 -14.46 -0.34 2.94
CA ASP B 65 -15.43 -0.82 1.97
C ASP B 65 -16.82 -0.70 2.57
N LEU B 66 -17.76 -0.31 1.70
CA LEU B 66 -19.16 -0.16 2.08
C LEU B 66 -20.06 -1.10 1.30
N LYS B 67 -21.15 -1.50 1.94
CA LYS B 67 -22.13 -2.37 1.34
C LYS B 67 -23.12 -1.43 0.64
N ILE B 68 -23.01 -1.34 -0.69
CA ILE B 68 -23.88 -0.45 -1.46
C ILE B 68 -25.36 -0.67 -1.18
N GLU B 69 -25.76 -1.94 -1.04
CA GLU B 69 -27.15 -2.28 -0.79
C GLU B 69 -27.73 -1.49 0.37
N ILE B 70 -26.99 -1.43 1.46
CA ILE B 70 -27.47 -0.72 2.63
C ILE B 70 -27.01 0.72 2.60
N LEU B 71 -25.94 1.00 1.86
CA LEU B 71 -25.45 2.36 1.76
C LEU B 71 -26.55 3.20 1.14
N LYS B 72 -27.21 2.64 0.13
CA LYS B 72 -28.31 3.31 -0.55
C LYS B 72 -29.40 3.76 0.42
N LYS B 73 -29.88 2.83 1.23
CA LYS B 73 -30.92 3.12 2.21
C LYS B 73 -30.52 4.19 3.22
N GLU B 74 -29.43 3.94 3.96
CA GLU B 74 -28.96 4.88 4.99
C GLU B 74 -28.40 6.20 4.48
N TYR B 75 -28.46 6.42 3.18
CA TYR B 75 -27.95 7.66 2.60
C TYR B 75 -28.91 8.15 1.51
N GLY B 76 -29.23 7.27 0.57
CA GLY B 76 -30.15 7.65 -0.50
C GLY B 76 -29.39 8.10 -1.73
N GLU B 77 -29.94 7.82 -2.92
CA GLU B 77 -29.27 8.20 -4.16
C GLU B 77 -29.42 9.67 -4.47
N PRO B 78 -28.43 10.27 -5.15
CA PRO B 78 -27.20 9.59 -5.62
C PRO B 78 -26.27 9.24 -4.45
N TYR B 79 -26.06 7.95 -4.23
CA TYR B 79 -25.21 7.49 -3.12
C TYR B 79 -23.72 7.81 -3.28
N ASN B 80 -23.26 7.98 -4.52
CA ASN B 80 -21.87 8.29 -4.78
C ASN B 80 -21.44 9.60 -4.11
N LYS B 81 -22.41 10.42 -3.74
CA LYS B 81 -22.11 11.70 -3.09
C LYS B 81 -21.52 11.41 -1.71
N ALA B 82 -21.87 10.26 -1.16
CA ALA B 82 -21.39 9.83 0.14
C ALA B 82 -19.87 9.76 0.20
N TYR B 83 -19.26 9.36 -0.91
CA TYR B 83 -17.83 9.25 -0.95
C TYR B 83 -17.18 10.62 -1.02
N ASP B 84 -17.93 11.61 -1.48
CA ASP B 84 -17.42 12.97 -1.57
C ASP B 84 -17.32 13.51 -0.15
N ASP B 85 -18.35 13.18 0.64
CA ASP B 85 -18.44 13.58 2.03
C ASP B 85 -17.19 13.11 2.78
N LEU B 86 -17.09 11.79 2.94
CA LEU B 86 -15.97 11.15 3.63
C LEU B 86 -14.64 11.71 3.18
N ARG B 87 -14.57 12.07 1.91
CA ARG B 87 -13.32 12.60 1.36
C ARG B 87 -12.89 13.86 2.05
N GLN B 88 -13.77 14.86 2.12
CA GLN B 88 -13.46 16.11 2.77
C GLN B 88 -13.06 15.84 4.22
N GLU B 89 -13.90 15.10 4.91
CA GLU B 89 -13.66 14.75 6.31
C GLU B 89 -12.27 14.13 6.50
N LEU B 90 -11.92 13.18 5.64
CA LEU B 90 -10.60 12.54 5.75
C LEU B 90 -9.46 13.42 5.28
N GLU B 91 -9.76 14.30 4.31
CA GLU B 91 -8.77 15.22 3.77
C GLU B 91 -8.33 16.12 4.93
N LEU B 92 -9.31 16.63 5.65
CA LEU B 92 -9.08 17.52 6.77
C LEU B 92 -8.19 16.95 7.87
N LEU B 93 -8.25 15.64 8.06
CA LEU B 93 -7.44 14.98 9.09
C LEU B 93 -6.07 14.64 8.54
N GLY B 94 -5.76 15.15 7.35
CA GLY B 94 -4.48 14.89 6.72
C GLY B 94 -4.40 13.67 5.82
N PHE B 95 -5.49 12.91 5.72
CA PHE B 95 -5.50 11.74 4.87
C PHE B 95 -5.85 12.15 3.43
N GLU B 96 -5.01 11.75 2.49
CA GLU B 96 -5.21 12.07 1.08
C GLU B 96 -5.79 10.92 0.29
N TRP B 97 -6.73 11.24 -0.61
CA TRP B 97 -7.38 10.26 -1.47
C TRP B 97 -6.36 9.65 -2.42
N THR B 98 -6.22 8.34 -2.39
CA THR B 98 -5.27 7.66 -3.25
C THR B 98 -5.98 6.86 -4.33
N GLN B 99 -7.08 6.21 -3.99
CA GLN B 99 -7.84 5.43 -4.95
C GLN B 99 -9.00 4.70 -4.30
N GLY B 100 -10.21 5.01 -4.77
CA GLY B 100 -11.43 4.40 -4.27
C GLY B 100 -11.40 3.76 -2.90
N SER B 101 -11.67 4.57 -1.88
CA SER B 101 -11.71 4.10 -0.50
C SER B 101 -10.37 3.83 0.19
N VAL B 102 -9.27 4.24 -0.40
CA VAL B 102 -7.98 4.03 0.26
C VAL B 102 -7.24 5.35 0.42
N TYR B 103 -7.18 5.83 1.66
CA TYR B 103 -6.53 7.08 1.97
C TYR B 103 -5.17 6.87 2.66
N VAL B 104 -4.25 7.79 2.38
CA VAL B 104 -2.92 7.71 2.96
C VAL B 104 -2.50 9.06 3.50
N ASN B 105 -2.25 9.16 4.81
CA ASN B 105 -1.78 10.42 5.38
C ASN B 105 -0.28 10.26 5.30
N TYR B 106 0.36 11.09 4.46
CA TYR B 106 1.81 10.99 4.28
C TYR B 106 2.64 11.74 5.31
N SER B 107 1.99 12.24 6.35
CA SER B 107 2.73 12.97 7.38
C SER B 107 3.68 12.04 8.14
N LYS B 108 4.65 12.62 8.84
CA LYS B 108 5.59 11.81 9.61
C LYS B 108 5.55 12.17 11.10
N GLU B 109 4.73 13.15 11.46
CA GLU B 109 4.61 13.57 12.86
C GLU B 109 3.67 12.65 13.63
N ASN B 110 2.80 13.23 14.46
CA ASN B 110 1.84 12.45 15.24
C ASN B 110 0.72 11.94 14.35
N THR B 111 1.08 11.06 13.42
CA THR B 111 0.14 10.49 12.47
C THR B 111 -0.84 9.51 13.13
N LEU B 112 -0.31 8.62 13.96
CA LEU B 112 -1.12 7.64 14.67
C LEU B 112 -2.32 8.34 15.28
N ALA B 113 -2.09 9.55 15.75
CA ALA B 113 -3.12 10.37 16.36
C ALA B 113 -4.21 10.71 15.35
N GLN B 114 -3.80 10.89 14.09
CA GLN B 114 -4.74 11.24 13.03
C GLN B 114 -5.71 10.11 12.72
N VAL B 115 -5.20 8.87 12.77
CA VAL B 115 -6.03 7.70 12.51
C VAL B 115 -7.11 7.63 13.60
N TYR B 116 -6.70 7.68 14.87
CA TYR B 116 -7.65 7.63 15.97
C TYR B 116 -8.68 8.73 15.80
N LYS B 117 -8.25 9.90 15.32
CA LYS B 117 -9.18 11.02 15.08
C LYS B 117 -10.13 10.67 13.94
N ALA B 118 -9.57 10.12 12.85
CA ALA B 118 -10.39 9.75 11.70
C ALA B 118 -11.39 8.69 12.07
N ILE B 119 -10.96 7.68 12.81
CA ILE B 119 -11.88 6.63 13.20
C ILE B 119 -13.00 7.24 14.03
N ASN B 120 -12.64 8.14 14.93
CA ASN B 120 -13.63 8.79 15.79
C ASN B 120 -14.71 9.47 14.95
N LYS B 121 -14.29 10.35 14.05
CA LYS B 121 -15.18 11.11 13.17
C LYS B 121 -16.13 10.19 12.38
N LEU B 122 -15.57 9.13 11.79
CA LEU B 122 -16.35 8.18 11.03
C LEU B 122 -17.41 7.57 11.93
N SER B 123 -17.01 7.25 13.15
CA SER B 123 -17.91 6.67 14.14
C SER B 123 -19.10 7.56 14.46
N GLN B 124 -19.01 8.84 14.11
CA GLN B 124 -20.08 9.80 14.39
C GLN B 124 -21.07 9.87 13.22
N ILE B 125 -20.66 9.35 12.07
CA ILE B 125 -21.49 9.38 10.86
C ILE B 125 -22.37 8.15 10.69
N GLU B 126 -23.58 8.22 11.25
CA GLU B 126 -24.52 7.10 11.19
C GLU B 126 -24.54 6.26 9.92
N TRP B 127 -24.76 6.91 8.78
CA TRP B 127 -24.82 6.19 7.51
C TRP B 127 -23.56 5.37 7.24
N PHE B 128 -22.44 5.81 7.79
CA PHE B 128 -21.20 5.10 7.62
C PHE B 128 -21.20 3.86 8.50
N LYS B 129 -21.48 4.06 9.78
CA LYS B 129 -21.51 2.95 10.76
C LYS B 129 -22.39 1.82 10.28
N LYS B 130 -23.54 2.16 9.70
CA LYS B 130 -24.47 1.16 9.23
C LYS B 130 -24.11 0.46 7.92
N SER B 131 -23.39 1.14 7.04
CA SER B 131 -23.03 0.54 5.75
C SER B 131 -21.64 -0.10 5.66
N VAL B 132 -20.73 0.37 6.48
CA VAL B 132 -19.36 -0.12 6.46
C VAL B 132 -19.21 -1.64 6.62
N ARG B 133 -18.56 -2.26 5.63
CA ARG B 133 -18.29 -3.69 5.64
C ARG B 133 -16.98 -3.90 6.38
N ASP B 134 -16.00 -3.05 6.06
CA ASP B 134 -14.68 -3.11 6.66
C ASP B 134 -13.94 -1.77 6.56
N ILE B 135 -13.14 -1.50 7.60
CA ILE B 135 -12.33 -0.28 7.72
C ILE B 135 -11.02 -0.67 8.43
N ARG B 136 -9.90 -0.47 7.74
CA ARG B 136 -8.55 -0.81 8.25
C ARG B 136 -7.57 0.33 8.21
N ALA B 137 -6.56 0.23 9.07
CA ALA B 137 -5.50 1.23 9.15
C ALA B 137 -4.19 0.50 9.07
N PHE B 138 -3.37 0.88 8.09
CA PHE B 138 -2.05 0.27 7.89
C PHE B 138 -0.98 1.23 8.36
N LYS B 139 0.05 0.69 8.99
CA LYS B 139 1.16 1.52 9.42
C LYS B 139 2.14 1.42 8.26
N VAL B 140 2.28 2.48 7.49
CA VAL B 140 3.17 2.42 6.35
C VAL B 140 4.57 2.96 6.65
N GLU B 141 5.56 2.07 6.66
CA GLU B 141 6.94 2.44 6.95
C GLU B 141 7.65 3.16 5.79
N ASP B 142 7.14 2.96 4.58
CA ASP B 142 7.75 3.55 3.39
C ASP B 142 7.01 3.11 2.14
N PHE B 143 6.97 3.96 1.12
CA PHE B 143 6.29 3.62 -0.12
C PHE B 143 7.19 3.82 -1.34
N SER B 144 6.61 3.69 -2.53
CA SER B 144 7.36 3.85 -3.77
C SER B 144 6.42 3.75 -4.98
N ASP B 145 6.35 4.83 -5.75
CA ASP B 145 5.50 4.87 -6.94
C ASP B 145 6.16 4.18 -8.11
N PHE B 146 7.43 3.84 -7.94
CA PHE B 146 8.20 3.18 -8.99
C PHE B 146 7.32 2.63 -10.11
N THR B 147 6.28 1.89 -9.74
CA THR B 147 5.41 1.28 -10.73
C THR B 147 4.75 2.22 -11.72
N GLU B 148 3.87 3.11 -11.26
CA GLU B 148 3.16 4.03 -12.16
C GLU B 148 3.89 4.13 -13.52
N ILE B 149 5.00 4.86 -13.54
CA ILE B 149 5.77 5.07 -14.76
C ILE B 149 6.39 3.77 -15.31
N VAL B 150 7.23 3.10 -14.50
CA VAL B 150 7.85 1.85 -14.95
C VAL B 150 6.80 0.97 -15.61
N LYS B 151 5.73 0.70 -14.88
CA LYS B 151 4.62 -0.10 -15.36
C LYS B 151 4.20 0.26 -16.78
N SER B 152 3.92 1.55 -16.99
CA SER B 152 3.48 2.06 -18.28
C SER B 152 4.54 2.08 -19.39
N LEU B 153 5.65 2.77 -19.15
CA LEU B 153 6.73 2.93 -20.13
C LEU B 153 7.47 1.65 -20.51
N GLU B 154 8.07 1.01 -19.51
CA GLU B 154 8.82 -0.23 -19.71
C GLU B 154 8.30 -1.13 -20.82
N HIS B 155 9.11 -1.38 -21.84
CA HIS B 155 8.69 -2.27 -22.91
C HIS B 155 9.60 -3.48 -23.01
N HIS B 156 9.06 -4.60 -23.48
CA HIS B 156 9.84 -5.82 -23.59
C HIS B 156 9.94 -6.31 -25.03
N HIS B 157 11.16 -6.51 -25.50
CA HIS B 157 11.41 -7.01 -26.85
C HIS B 157 11.81 -8.47 -26.74
N HIS B 158 10.91 -9.37 -27.11
CA HIS B 158 11.20 -10.79 -27.03
C HIS B 158 11.87 -11.30 -28.29
#